data_4MQ3
#
_entry.id   4MQ3
#
_cell.length_a   28.254
_cell.length_b   66.643
_cell.length_c   32.619
_cell.angle_alpha   90.00
_cell.angle_beta   103.43
_cell.angle_gamma   90.00
#
_symmetry.space_group_name_H-M   'P 1 21 1'
#
loop_
_entity.id
_entity.type
_entity.pdbx_description
1 polymer Integrase
2 water water
#
_entity_poly.entity_id   1
_entity_poly.type   'polypeptide(L)'
_entity_poly.pdbx_seq_one_letter_code
;GSHMGIWQMDCTHFDGKIILVGIHVESGYIWAQIISQETADCTVKAVLQLLSAHNVTELQTDNGPNFKNQKMEGVLNYMG
VKHKFGIPGNPQSQALVENVNHTLKVWIQKFLPETTSLDNALSLAVHSLNKK
;
_entity_poly.pdbx_strand_id   A
#
# COMPACT_ATOMS: atom_id res chain seq x y z
N MET A 4 -6.24 -12.94 9.95
CA MET A 4 -5.49 -12.35 11.08
C MET A 4 -5.63 -10.82 11.04
N GLY A 5 -6.13 -10.24 9.96
CA GLY A 5 -6.27 -8.76 9.97
C GLY A 5 -5.00 -7.90 9.88
N ILE A 6 -3.89 -8.51 9.47
CA ILE A 6 -2.68 -7.72 9.30
C ILE A 6 -2.61 -7.29 7.82
N TRP A 7 -2.37 -5.98 7.62
CA TRP A 7 -2.05 -5.47 6.33
C TRP A 7 -0.70 -4.83 6.35
N GLN A 8 0.06 -5.00 5.26
CA GLN A 8 1.39 -4.40 5.13
C GLN A 8 1.35 -3.44 3.96
N MET A 9 1.81 -2.20 4.16
CA MET A 9 1.61 -1.16 3.16
C MET A 9 2.89 -0.40 2.92
N ASP A 10 2.97 0.19 1.73
CA ASP A 10 4.04 1.14 1.36
C ASP A 10 3.58 1.94 0.16
N CYS A 11 4.27 3.04 -0.10
CA CYS A 11 4.09 3.74 -1.36
C CYS A 11 5.23 3.34 -2.30
N THR A 12 4.97 3.34 -3.60
CA THR A 12 5.98 3.13 -4.60
C THR A 12 5.75 4.17 -5.71
N HIS A 13 6.76 4.36 -6.53
CA HIS A 13 6.77 5.38 -7.53
C HIS A 13 6.79 4.77 -8.92
N PHE A 14 6.01 5.35 -9.82
CA PHE A 14 6.00 4.90 -11.20
C PHE A 14 5.92 6.11 -12.08
N ASP A 15 7.04 6.41 -12.76
CA ASP A 15 7.08 7.57 -13.63
C ASP A 15 6.61 8.82 -12.94
N GLY A 16 7.04 9.05 -11.69
CA GLY A 16 6.64 10.27 -10.97
C GLY A 16 5.30 10.24 -10.26
N LYS A 17 4.46 9.25 -10.58
CA LYS A 17 3.19 9.05 -9.85
C LYS A 17 3.40 8.22 -8.63
N ILE A 18 2.57 8.44 -7.61
CA ILE A 18 2.71 7.79 -6.35
C ILE A 18 1.58 6.74 -6.23
N ILE A 19 1.96 5.48 -5.91
CA ILE A 19 1.00 4.42 -5.80
C ILE A 19 1.09 3.89 -4.35
N LEU A 20 -0.02 3.92 -3.66
CA LEU A 20 -0.09 3.32 -2.32
C LEU A 20 -0.51 1.85 -2.51
N VAL A 21 0.24 0.94 -1.92
CA VAL A 21 0.03 -0.51 -2.07
C VAL A 21 -0.15 -1.12 -0.71
N GLY A 22 -1.11 -2.07 -0.65
CA GLY A 22 -1.27 -2.90 0.54
C GLY A 22 -1.38 -4.36 0.16
N ILE A 23 -0.86 -5.21 1.05
CA ILE A 23 -1.08 -6.65 0.99
C ILE A 23 -1.72 -7.10 2.30
N HIS A 24 -2.81 -7.88 2.15
CA HIS A 24 -3.44 -8.55 3.28
C HIS A 24 -2.63 -9.78 3.55
N VAL A 25 -1.85 -9.77 4.64
CA VAL A 25 -0.83 -10.74 4.84
C VAL A 25 -1.35 -12.20 4.83
N GLU A 26 -2.47 -12.46 5.48
CA GLU A 26 -2.79 -13.88 5.53
C GLU A 26 -3.31 -14.47 4.27
N SER A 27 -3.89 -13.67 3.35
CA SER A 27 -4.43 -14.18 2.12
C SER A 27 -3.57 -13.87 0.89
N GLY A 28 -2.68 -12.89 0.99
CA GLY A 28 -1.98 -12.39 -0.20
C GLY A 28 -2.76 -11.39 -1.02
N TYR A 29 -3.98 -11.01 -0.67
CA TYR A 29 -4.73 -10.07 -1.49
C TYR A 29 -4.06 -8.73 -1.58
N ILE A 30 -3.98 -8.19 -2.80
CA ILE A 30 -3.33 -6.92 -3.08
C ILE A 30 -4.36 -5.84 -3.36
N TRP A 31 -4.11 -4.66 -2.80
CA TRP A 31 -4.83 -3.44 -3.00
C TRP A 31 -3.88 -2.35 -3.46
N ALA A 32 -4.27 -1.49 -4.39
CA ALA A 32 -3.42 -0.37 -4.74
C ALA A 32 -4.22 0.79 -5.27
N GLN A 33 -3.74 2.00 -5.02
CA GLN A 33 -4.43 3.22 -5.49
C GLN A 33 -3.38 4.27 -5.78
N ILE A 34 -3.53 5.00 -6.89
CA ILE A 34 -2.70 6.18 -7.09
C ILE A 34 -3.16 7.24 -6.11
N ILE A 35 -2.22 7.92 -5.48
CA ILE A 35 -2.54 9.03 -4.57
C ILE A 35 -1.85 10.31 -5.09
N SER A 36 -2.37 11.47 -4.72
CA SER A 36 -1.97 12.70 -5.38
C SER A 36 -0.55 13.13 -5.07
N GLN A 37 -0.14 13.01 -3.82
CA GLN A 37 1.22 13.44 -3.43
C GLN A 37 1.67 12.54 -2.33
N GLU A 38 2.98 12.40 -2.22
CA GLU A 38 3.50 11.62 -1.17
C GLU A 38 3.72 12.56 0.03
N THR A 39 2.63 12.68 0.80
CA THR A 39 2.56 13.56 1.98
C THR A 39 1.85 12.81 3.08
N ALA A 40 2.04 13.24 4.32
CA ALA A 40 1.34 12.64 5.42
C ALA A 40 -0.18 12.73 5.27
N ASP A 41 -0.70 13.89 4.90
CA ASP A 41 -2.16 14.08 4.72
C ASP A 41 -2.72 13.17 3.66
N CYS A 42 -2.06 13.10 2.54
CA CYS A 42 -2.61 12.27 1.46
C CYS A 42 -2.52 10.79 1.86
N THR A 43 -1.40 10.36 2.49
CA THR A 43 -1.26 8.98 2.86
C THR A 43 -2.32 8.60 3.88
N VAL A 44 -2.56 9.37 4.90
CA VAL A 44 -3.53 8.97 5.92
C VAL A 44 -4.96 8.93 5.38
N LYS A 45 -5.29 9.83 4.46
CA LYS A 45 -6.62 9.85 3.89
C LYS A 45 -6.89 8.55 3.20
N ALA A 46 -5.91 8.05 2.43
CA ALA A 46 -6.11 6.82 1.67
C ALA A 46 -6.11 5.62 2.66
N VAL A 47 -5.22 5.62 3.67
CA VAL A 47 -5.19 4.52 4.61
C VAL A 47 -6.49 4.45 5.41
N LEU A 48 -7.01 5.61 5.86
CA LEU A 48 -8.24 5.59 6.70
C LEU A 48 -9.38 4.94 5.93
N GLN A 49 -9.47 5.23 4.67
CA GLN A 49 -10.59 4.63 3.95
C GLN A 49 -10.41 3.12 3.75
N LEU A 50 -9.17 2.62 3.55
CA LEU A 50 -8.89 1.18 3.51
C LEU A 50 -9.29 0.59 4.83
N LEU A 51 -8.89 1.27 5.92
CA LEU A 51 -9.29 0.82 7.27
C LEU A 51 -10.79 0.78 7.50
N SER A 52 -11.53 1.68 6.85
CA SER A 52 -12.96 1.73 6.98
C SER A 52 -13.63 0.61 6.26
N ALA A 53 -13.04 0.22 5.16
CA ALA A 53 -13.61 -0.85 4.34
C ALA A 53 -13.26 -2.24 4.76
N HIS A 54 -12.10 -2.45 5.40
CA HIS A 54 -11.61 -3.79 5.76
C HIS A 54 -11.37 -3.87 7.25
N ASN A 55 -11.40 -5.05 7.81
CA ASN A 55 -11.30 -5.24 9.26
C ASN A 55 -9.81 -5.44 9.57
N VAL A 56 -9.12 -4.34 9.83
CA VAL A 56 -7.66 -4.33 10.01
C VAL A 56 -7.32 -4.33 11.49
N THR A 57 -6.48 -5.26 11.97
CA THR A 57 -6.07 -5.27 13.35
C THR A 57 -4.66 -4.74 13.57
N GLU A 58 -3.84 -4.80 12.51
CA GLU A 58 -2.45 -4.38 12.58
C GLU A 58 -2.03 -3.86 11.20
N LEU A 59 -1.30 -2.75 11.19
CA LEU A 59 -0.75 -2.18 9.98
C LEU A 59 0.73 -2.20 10.12
N GLN A 60 1.42 -2.74 9.11
CA GLN A 60 2.87 -2.87 9.06
C GLN A 60 3.38 -1.93 7.97
N THR A 61 4.24 -0.98 8.34
CA THR A 61 4.71 0.07 7.44
C THR A 61 6.18 0.30 7.66
N ASP A 62 6.76 1.21 6.85
CA ASP A 62 8.05 1.77 7.19
C ASP A 62 7.89 2.88 8.22
N ASN A 63 9.03 3.50 8.61
CA ASN A 63 9.09 4.48 9.67
C ASN A 63 9.31 5.89 9.15
N GLY A 64 9.02 6.11 7.88
CA GLY A 64 9.13 7.42 7.27
C GLY A 64 8.00 8.33 7.67
N PRO A 65 8.17 9.63 7.41
CA PRO A 65 7.27 10.61 7.96
C PRO A 65 5.88 10.51 7.40
N ASN A 66 5.65 9.86 6.30
CA ASN A 66 4.37 9.68 5.66
C ASN A 66 3.48 8.55 6.33
N PHE A 67 4.15 7.60 6.96
CA PHE A 67 3.44 6.46 7.60
C PHE A 67 3.56 6.51 9.09
N LYS A 68 4.55 7.19 9.62
CA LYS A 68 4.80 7.23 11.06
C LYS A 68 4.82 8.71 11.42
N ASN A 69 3.72 9.20 11.97
CA ASN A 69 3.57 10.61 12.34
C ASN A 69 2.37 10.72 13.27
N GLN A 70 2.16 11.86 13.88
CA GLN A 70 1.14 11.99 14.94
C GLN A 70 -0.27 11.84 14.41
N LYS A 71 -0.57 12.22 13.20
CA LYS A 71 -1.88 12.10 12.59
C LYS A 71 -2.22 10.61 12.35
N MET A 72 -1.34 9.92 11.67
CA MET A 72 -1.47 8.49 11.46
C MET A 72 -1.61 7.76 12.81
N GLU A 73 -0.74 8.13 13.79
CA GLU A 73 -0.75 7.52 15.09
C GLU A 73 -2.16 7.67 15.69
N GLY A 74 -2.71 8.88 15.62
CA GLY A 74 -4.04 9.11 16.17
C GLY A 74 -5.12 8.31 15.48
N VAL A 75 -5.07 8.23 14.14
CA VAL A 75 -6.04 7.47 13.40
C VAL A 75 -5.96 6.00 13.75
N LEU A 76 -4.75 5.47 13.79
CA LEU A 76 -4.61 4.04 14.05
C LEU A 76 -5.06 3.77 15.53
N ASN A 77 -4.71 4.63 16.47
CA ASN A 77 -5.18 4.39 17.83
C ASN A 77 -6.71 4.47 17.88
N TYR A 78 -7.29 5.49 17.24
CA TYR A 78 -8.79 5.57 17.26
C TYR A 78 -9.42 4.31 16.66
N MET A 79 -8.83 3.83 15.55
CA MET A 79 -9.39 2.67 14.86
C MET A 79 -9.04 1.34 15.50
N GLY A 80 -8.27 1.32 16.58
CA GLY A 80 -7.92 0.11 17.28
C GLY A 80 -6.94 -0.76 16.51
N VAL A 81 -6.05 -0.14 15.73
CA VAL A 81 -5.10 -0.85 14.87
C VAL A 81 -3.71 -0.72 15.49
N LYS A 82 -3.04 -1.88 15.70
CA LYS A 82 -1.66 -1.90 16.13
C LYS A 82 -0.75 -1.47 14.98
N HIS A 83 0.27 -0.71 15.28
CA HIS A 83 1.19 -0.19 14.23
C HIS A 83 2.56 -0.82 14.46
N LYS A 84 3.07 -1.58 13.50
CA LYS A 84 4.44 -2.10 13.55
C LYS A 84 5.22 -1.47 12.40
N PHE A 85 6.43 -1.07 12.68
CA PHE A 85 7.20 -0.33 11.69
C PHE A 85 8.67 -0.62 11.82
N GLY A 86 9.45 -0.14 10.89
CA GLY A 86 10.89 -0.30 10.86
C GLY A 86 11.39 0.43 9.63
N ILE A 87 12.70 0.29 9.35
CA ILE A 87 13.28 1.07 8.25
C ILE A 87 12.70 0.66 6.93
N PRO A 88 12.80 1.50 5.91
CA PRO A 88 12.36 1.06 4.58
C PRO A 88 13.09 -0.24 4.16
N GLY A 89 12.28 -1.17 3.64
CA GLY A 89 12.79 -2.45 3.16
C GLY A 89 13.11 -3.45 4.31
N ASN A 90 12.71 -3.17 5.57
CA ASN A 90 13.07 -4.05 6.64
C ASN A 90 12.32 -5.36 6.56
N PRO A 91 12.93 -6.48 6.97
CA PRO A 91 12.24 -7.77 6.82
C PRO A 91 11.14 -8.01 7.84
N GLN A 92 11.06 -7.25 8.91
CA GLN A 92 9.98 -7.46 9.86
C GLN A 92 8.67 -6.89 9.41
N SER A 93 8.63 -5.66 8.94
CA SER A 93 7.36 -5.00 8.62
C SER A 93 7.20 -4.61 7.19
N GLN A 94 8.19 -4.92 6.33
CA GLN A 94 8.11 -4.49 4.94
C GLN A 94 8.52 -5.57 3.95
N ALA A 95 8.82 -6.81 4.34
CA ALA A 95 9.35 -7.77 3.40
C ALA A 95 8.39 -8.10 2.28
N LEU A 96 7.13 -8.25 2.65
CA LEU A 96 6.15 -8.73 1.69
C LEU A 96 5.84 -7.62 0.69
N VAL A 97 5.51 -6.40 1.16
CA VAL A 97 5.11 -5.38 0.25
C VAL A 97 6.27 -4.91 -0.63
N GLU A 98 7.53 -5.03 -0.13
CA GLU A 98 8.66 -4.69 -0.99
C GLU A 98 8.61 -5.52 -2.26
N ASN A 99 8.38 -6.82 -2.11
CA ASN A 99 8.40 -7.73 -3.24
C ASN A 99 7.14 -7.56 -4.10
N VAL A 100 5.99 -7.28 -3.45
CA VAL A 100 4.81 -6.89 -4.23
C VAL A 100 5.13 -5.71 -5.12
N ASN A 101 5.77 -4.69 -4.57
CA ASN A 101 6.00 -3.46 -5.37
C ASN A 101 6.87 -3.72 -6.55
N HIS A 102 7.94 -4.54 -6.40
CA HIS A 102 8.76 -4.88 -7.55
C HIS A 102 7.93 -5.57 -8.63
N THR A 103 7.09 -6.51 -8.22
CA THR A 103 6.32 -7.30 -9.20
C THR A 103 5.21 -6.48 -9.83
N LEU A 104 4.50 -5.69 -9.00
CA LEU A 104 3.43 -4.81 -9.48
C LEU A 104 3.95 -3.93 -10.64
N LYS A 105 5.12 -3.30 -10.44
CA LYS A 105 5.57 -2.35 -11.44
C LYS A 105 6.00 -3.05 -12.73
N VAL A 106 6.46 -4.29 -12.68
CA VAL A 106 6.70 -5.05 -13.92
C VAL A 106 5.40 -5.28 -14.66
N TRP A 107 4.35 -5.67 -13.91
CA TRP A 107 3.06 -5.83 -14.58
C TRP A 107 2.57 -4.50 -15.13
N ILE A 108 2.75 -3.40 -14.41
CA ILE A 108 2.30 -2.12 -14.98
C ILE A 108 3.01 -1.85 -16.31
N GLN A 109 4.33 -2.12 -16.34
CA GLN A 109 5.06 -1.95 -17.60
C GLN A 109 4.50 -2.81 -18.73
N LYS A 110 4.17 -4.06 -18.38
CA LYS A 110 3.56 -4.94 -19.37
C LYS A 110 2.23 -4.39 -19.90
N PHE A 111 1.38 -3.87 -19.01
CA PHE A 111 0.03 -3.41 -19.40
C PHE A 111 -0.01 -2.00 -19.96
N LEU A 112 1.05 -1.21 -19.76
CA LEU A 112 1.00 0.17 -20.22
C LEU A 112 0.63 0.33 -21.70
N PRO A 113 1.27 -0.44 -22.60
CA PRO A 113 0.92 -0.26 -24.01
C PRO A 113 -0.44 -0.86 -24.43
N GLU A 114 -1.07 -1.56 -23.49
CA GLU A 114 -2.32 -2.31 -23.69
C GLU A 114 -3.53 -1.61 -23.08
N THR A 115 -3.33 -0.44 -22.51
CA THR A 115 -4.35 0.28 -21.77
C THR A 115 -4.30 1.76 -22.16
N THR A 116 -5.26 2.54 -21.65
CA THR A 116 -5.38 3.96 -22.00
C THR A 116 -4.95 4.90 -20.88
N SER A 117 -4.52 4.39 -19.72
CA SER A 117 -4.08 5.25 -18.62
C SER A 117 -3.27 4.43 -17.64
N LEU A 118 -2.45 5.12 -16.82
CA LEU A 118 -1.76 4.45 -15.77
C LEU A 118 -2.75 3.81 -14.82
N ASP A 119 -3.83 4.50 -14.48
CA ASP A 119 -4.77 3.90 -13.53
C ASP A 119 -5.32 2.60 -14.07
N ASN A 120 -5.59 2.51 -15.39
CA ASN A 120 -6.09 1.25 -15.96
C ASN A 120 -5.02 0.16 -16.01
N ALA A 121 -3.75 0.56 -16.28
CA ALA A 121 -2.65 -0.38 -16.24
C ALA A 121 -2.49 -0.92 -14.80
N LEU A 122 -2.61 -0.04 -13.79
CA LEU A 122 -2.54 -0.46 -12.38
C LEU A 122 -3.62 -1.44 -12.06
N SER A 123 -4.86 -1.17 -12.49
CA SER A 123 -5.93 -2.11 -12.20
C SER A 123 -5.64 -3.47 -12.77
N LEU A 124 -5.18 -3.52 -14.01
CA LEU A 124 -4.83 -4.82 -14.58
C LEU A 124 -3.66 -5.48 -13.88
N ALA A 125 -2.66 -4.72 -13.43
CA ALA A 125 -1.54 -5.28 -12.69
C ALA A 125 -2.02 -5.91 -11.39
N VAL A 126 -2.88 -5.19 -10.65
CA VAL A 126 -3.40 -5.71 -9.40
C VAL A 126 -4.21 -6.96 -9.67
N HIS A 127 -5.06 -6.96 -10.74
CA HIS A 127 -5.82 -8.15 -11.06
C HIS A 127 -4.89 -9.31 -11.36
N SER A 128 -3.76 -9.10 -12.05
CA SER A 128 -2.81 -10.16 -12.32
C SER A 128 -2.21 -10.72 -11.06
N LEU A 129 -1.92 -9.87 -10.11
CA LEU A 129 -1.43 -10.38 -8.86
C LEU A 129 -2.54 -11.14 -8.10
N ASN A 130 -3.77 -10.72 -8.21
CA ASN A 130 -4.81 -11.37 -7.44
C ASN A 130 -5.44 -12.58 -8.23
N LYS A 131 -4.96 -12.89 -9.44
CA LYS A 131 -5.69 -13.77 -10.39
C LYS A 131 -5.84 -15.09 -9.85
N LYS A 132 -7.03 -15.68 -10.16
CA LYS A 132 -7.39 -16.98 -9.79
C LYS A 132 -8.61 -17.46 -10.57
#